data_8DGZ
#
_entry.id   8DGZ
#
_cell.length_a   89.045
_cell.length_b   89.045
_cell.length_c   183.623
_cell.angle_alpha   90.000
_cell.angle_beta   90.000
_cell.angle_gamma   120.000
#
_symmetry.space_group_name_H-M   'P 32 2 1'
#
loop_
_entity.id
_entity.type
_entity.pdbx_description
1 polymer Caspase-7
2 polymer Ac-Asp-Glu-Val-Asp-Aldehyde
3 non-polymer '2-{[2-(4-chlorophenyl)-2-oxoethyl]sulfanyl}benzoic acid'
#
loop_
_entity_poly.entity_id
_entity_poly.type
_entity_poly.pdbx_seq_one_letter_code
_entity_poly.pdbx_strand_id
1 'polypeptide(L)'
;MLEADDQGCIEEQGVEDSANEDSVDAKPDRSSFVPSLFSKKKKNVTMRSIKTTRDRVPTYQYNMNFEKLGKCIIINNKNF
DKVTGMGVRNGTDKDAEALFKCFRSLGFDVIVYNDCSCAKMQDLLKKASEEDHTNAACFACILLSHGEENVIYGKDGVTP
IKDLTAHFRGDRCKTLLEKPKLFFIQACRGTELDDGIQADSGPINDTDANPRYKIPVEADFLFAYSTVPGYYSWRSPGRG
SWFVQALCSILEEHGKDLEIMQILTRVNDRVARHFESQSDDPHFHEKKQIPCVVSMLTKELYFSQ
;
A,B
2 'polypeptide(L)' (ACE)DEV(ASJ) C,D
#
loop_
_chem_comp.id
_chem_comp.type
_chem_comp.name
_chem_comp.formula
8YJ non-polymer '2-{[2-(4-chlorophenyl)-2-oxoethyl]sulfanyl}benzoic acid' 'C15 H11 Cl O3 S'
ACE non-polymer 'ACETYL GROUP' 'C2 H4 O'
ASJ peptide-like '(3S)-3-amino-4-hydroxybutanoic acid' 'C4 H9 N O3'
#
# COMPACT_ATOMS: atom_id res chain seq x y z
N THR A 59 16.03 -0.40 -16.19
CA THR A 59 15.34 0.89 -16.16
C THR A 59 14.07 0.87 -15.30
N TYR A 60 13.23 -0.17 -15.38
CA TYR A 60 11.99 -0.15 -14.62
C TYR A 60 11.94 -1.20 -13.51
N GLN A 61 13.04 -1.90 -13.30
CA GLN A 61 13.22 -2.91 -12.26
C GLN A 61 14.36 -2.53 -11.35
N TYR A 62 14.25 -3.02 -10.13
CA TYR A 62 15.32 -2.84 -9.18
C TYR A 62 16.48 -3.67 -9.64
N ASN A 63 17.65 -3.07 -9.71
CA ASN A 63 18.86 -3.77 -10.09
C ASN A 63 19.13 -4.92 -9.10
N MET A 64 19.18 -6.16 -9.59
CA MET A 64 19.49 -7.34 -8.77
C MET A 64 20.90 -7.88 -9.00
N ASN A 65 21.80 -7.16 -9.69
CA ASN A 65 23.15 -7.66 -9.97
C ASN A 65 24.07 -7.38 -8.77
N PHE A 66 24.04 -8.30 -7.79
CA PHE A 66 24.82 -8.21 -6.58
C PHE A 66 25.25 -9.61 -6.16
N GLU A 67 26.32 -9.64 -5.38
CA GLU A 67 26.86 -10.93 -4.94
C GLU A 67 25.87 -11.65 -4.03
N LYS A 68 25.03 -10.91 -3.31
CA LYS A 68 24.07 -11.48 -2.39
C LYS A 68 22.70 -10.89 -2.66
N LEU A 69 21.66 -11.71 -2.52
CA LEU A 69 20.31 -11.18 -2.61
C LEU A 69 20.08 -10.19 -1.48
N GLY A 70 20.35 -10.60 -0.24
CA GLY A 70 20.29 -9.71 0.90
C GLY A 70 20.03 -10.49 2.17
N LYS A 71 20.05 -9.77 3.27
CA LYS A 71 19.76 -10.43 4.52
C LYS A 71 18.25 -10.49 4.76
N CYS A 72 17.81 -11.53 5.48
CA CYS A 72 16.40 -11.71 5.83
C CYS A 72 16.31 -12.11 7.30
N ILE A 73 15.83 -11.19 8.14
CA ILE A 73 15.68 -11.43 9.56
C ILE A 73 14.27 -11.96 9.81
N ILE A 74 14.17 -13.14 10.41
CA ILE A 74 12.86 -13.70 10.76
C ILE A 74 12.71 -13.68 12.28
N ILE A 75 11.77 -12.88 12.79
CA ILE A 75 11.49 -12.81 14.23
C ILE A 75 10.25 -13.65 14.56
N ASN A 76 10.42 -14.76 15.26
CA ASN A 76 9.34 -15.74 15.56
C ASN A 76 8.93 -15.74 17.04
N ASN A 77 7.89 -14.99 17.39
CA ASN A 77 7.38 -14.92 18.76
C ASN A 77 6.24 -15.89 19.04
N LYS A 78 6.53 -16.98 19.78
CA LYS A 78 5.55 -18.00 20.14
C LYS A 78 5.08 -17.97 21.58
N ASN A 79 5.99 -17.73 22.54
CA ASN A 79 5.67 -17.78 23.97
C ASN A 79 5.89 -16.39 24.54
N PHE A 80 4.89 -15.89 25.26
CA PHE A 80 4.97 -14.58 25.88
C PHE A 80 4.98 -14.66 27.40
N ASP A 81 5.54 -13.61 28.01
CA ASP A 81 5.63 -13.53 29.46
C ASP A 81 4.23 -13.39 30.04
N LYS A 82 4.00 -14.02 31.21
CA LYS A 82 2.68 -13.96 31.84
C LYS A 82 2.22 -12.54 32.11
N VAL A 83 3.16 -11.58 32.16
CA VAL A 83 2.81 -10.17 32.33
C VAL A 83 2.12 -9.60 31.08
N THR A 84 2.39 -10.15 29.89
CA THR A 84 1.76 -9.65 28.68
C THR A 84 0.34 -10.18 28.50
N GLY A 85 0.06 -11.39 28.98
CA GLY A 85 -1.25 -12.00 28.87
C GLY A 85 -1.61 -12.51 27.49
N MET A 86 -0.62 -12.88 26.69
CA MET A 86 -0.82 -13.49 25.39
C MET A 86 -0.56 -14.98 25.47
N GLY A 87 -1.41 -15.76 24.80
CA GLY A 87 -1.29 -17.21 24.86
C GLY A 87 -0.23 -17.76 23.91
N VAL A 88 0.20 -19.00 24.18
CA VAL A 88 1.18 -19.64 23.31
C VAL A 88 0.58 -19.75 21.92
N ARG A 89 1.32 -19.26 20.90
CA ARG A 89 0.87 -19.25 19.49
C ARG A 89 1.25 -20.57 18.82
N ASN A 90 0.37 -21.57 18.96
CA ASN A 90 0.56 -22.89 18.36
C ASN A 90 0.49 -22.83 16.84
N GLY A 91 1.38 -23.60 16.17
CA GLY A 91 1.47 -23.67 14.71
C GLY A 91 2.46 -22.72 14.05
N THR A 92 2.98 -21.74 14.78
CA THR A 92 3.96 -20.77 14.29
C THR A 92 5.31 -21.42 13.96
N ASP A 93 5.65 -22.57 14.57
CA ASP A 93 6.87 -23.25 14.16
C ASP A 93 6.77 -23.87 12.77
N LYS A 94 5.60 -24.42 12.40
CA LYS A 94 5.42 -24.85 11.01
C LYS A 94 5.54 -23.68 10.05
N ASP A 95 4.92 -22.57 10.41
CA ASP A 95 4.95 -21.38 9.51
C ASP A 95 6.40 -20.96 9.29
N ALA A 96 7.13 -20.72 10.37
CA ALA A 96 8.52 -20.23 10.27
C ALA A 96 9.36 -21.19 9.43
N GLU A 97 9.32 -22.46 9.76
CA GLU A 97 10.19 -23.42 9.03
C GLU A 97 9.98 -23.17 7.54
N ALA A 98 8.73 -23.12 7.13
CA ALA A 98 8.41 -22.87 5.70
C ALA A 98 9.06 -21.57 5.27
N LEU A 99 8.70 -20.47 5.92
CA LEU A 99 9.25 -19.16 5.53
C LEU A 99 10.75 -19.32 5.34
N PHE A 100 11.40 -20.06 6.23
CA PHE A 100 12.85 -20.20 6.14
C PHE A 100 13.25 -20.91 4.86
N LYS A 101 12.58 -22.02 4.52
CA LYS A 101 12.93 -22.69 3.27
C LYS A 101 12.61 -21.79 2.06
N CYS A 102 11.46 -21.13 2.03
CA CYS A 102 11.15 -20.28 0.88
C CYS A 102 12.19 -19.18 0.70
N PHE A 103 12.34 -18.33 1.72
CA PHE A 103 13.22 -17.18 1.55
C PHE A 103 14.66 -17.64 1.34
N ARG A 104 15.02 -18.82 1.83
CA ARG A 104 16.32 -19.36 1.52
C ARG A 104 16.39 -19.75 0.04
N SER A 105 15.35 -20.43 -0.48
CA SER A 105 15.26 -20.73 -1.91
C SER A 105 15.41 -19.47 -2.75
N LEU A 106 14.76 -18.38 -2.33
CA LEU A 106 14.91 -17.14 -3.07
C LEU A 106 16.35 -16.66 -3.10
N GLY A 107 17.16 -17.06 -2.12
CA GLY A 107 18.54 -16.64 -2.05
C GLY A 107 18.87 -15.67 -0.93
N PHE A 108 18.02 -15.53 0.07
CA PHE A 108 18.28 -14.65 1.20
C PHE A 108 19.19 -15.33 2.22
N ASP A 109 19.94 -14.51 2.97
CA ASP A 109 20.76 -15.02 4.08
C ASP A 109 19.88 -14.90 5.32
N VAL A 110 19.21 -15.95 5.62
CA VAL A 110 18.17 -15.90 6.65
C VAL A 110 18.70 -16.29 8.03
N ILE A 111 18.19 -15.54 9.02
CA ILE A 111 18.53 -15.80 10.44
C ILE A 111 17.23 -15.70 11.23
N VAL A 112 16.83 -16.76 11.93
CA VAL A 112 15.60 -16.84 12.74
C VAL A 112 15.91 -16.55 14.20
N TYR A 113 15.25 -15.55 14.79
CA TYR A 113 15.35 -15.20 16.20
C TYR A 113 14.02 -15.53 16.90
N ASN A 114 14.08 -16.32 17.97
CA ASN A 114 12.89 -16.76 18.70
C ASN A 114 12.66 -16.00 20.01
N ASP A 115 11.39 -15.68 20.28
CA ASP A 115 10.92 -15.08 21.53
C ASP A 115 11.64 -13.78 21.91
N CYS A 116 11.87 -12.92 20.93
CA CYS A 116 12.46 -11.62 21.19
C CYS A 116 11.59 -10.73 22.06
N SER A 117 12.24 -9.70 22.59
CA SER A 117 11.70 -8.66 23.44
C SER A 117 11.74 -7.35 22.68
N CYS A 118 10.99 -6.37 23.18
CA CYS A 118 10.94 -5.05 22.53
C CYS A 118 12.35 -4.53 22.27
N ALA A 119 13.22 -4.70 23.26
CA ALA A 119 14.60 -4.25 23.18
C ALA A 119 15.40 -5.12 22.22
N LYS A 120 15.22 -6.44 22.30
CA LYS A 120 15.94 -7.32 21.39
C LYS A 120 15.59 -6.97 19.95
N MET A 121 14.29 -6.83 19.66
CA MET A 121 13.91 -6.45 18.31
C MET A 121 14.50 -5.13 17.87
N GLN A 122 14.36 -4.09 18.71
CA GLN A 122 14.88 -2.79 18.32
C GLN A 122 16.38 -2.89 18.08
N ASP A 123 17.06 -3.68 18.88
CA ASP A 123 18.49 -3.85 18.69
C ASP A 123 18.81 -4.66 17.45
N LEU A 124 18.15 -5.81 17.27
CA LEU A 124 18.35 -6.61 16.06
C LEU A 124 18.22 -5.78 14.79
N LEU A 125 17.19 -4.95 14.71
CA LEU A 125 17.02 -4.16 13.52
C LEU A 125 18.02 -3.02 13.45
N LYS A 126 18.32 -2.35 14.58
CA LYS A 126 19.29 -1.27 14.55
C LYS A 126 20.64 -1.83 14.12
N LYS A 127 20.99 -2.98 14.66
CA LYS A 127 22.23 -3.66 14.29
C LYS A 127 22.24 -3.98 12.81
N ALA A 128 21.17 -4.61 12.31
CA ALA A 128 21.07 -4.91 10.87
C ALA A 128 21.24 -3.65 10.01
N SER A 129 20.60 -2.55 10.40
CA SER A 129 20.69 -1.29 9.66
C SER A 129 22.09 -0.71 9.71
N GLU A 130 22.85 -1.05 10.74
CA GLU A 130 24.20 -0.52 10.86
C GLU A 130 25.23 -1.38 10.14
N GLU A 131 24.83 -2.54 9.62
CA GLU A 131 25.68 -3.39 8.78
C GLU A 131 25.90 -2.76 7.41
N ASP A 132 26.75 -3.41 6.58
CA ASP A 132 27.10 -2.95 5.24
C ASP A 132 26.33 -3.73 4.18
N HIS A 133 25.34 -3.10 3.56
CA HIS A 133 24.56 -3.76 2.53
C HIS A 133 25.01 -3.47 1.11
N THR A 134 26.22 -2.92 0.89
CA THR A 134 26.64 -2.51 -0.46
C THR A 134 26.55 -3.69 -1.45
N ASN A 135 26.78 -4.92 -1.00
CA ASN A 135 26.81 -6.06 -1.96
C ASN A 135 25.51 -6.86 -1.86
N ALA A 136 24.45 -6.24 -1.38
CA ALA A 136 23.18 -6.90 -1.21
C ALA A 136 22.16 -6.22 -2.14
N ALA A 137 21.25 -6.99 -2.73
CA ALA A 137 20.23 -6.37 -3.57
C ALA A 137 19.15 -5.71 -2.71
N CYS A 138 18.75 -6.36 -1.63
CA CYS A 138 17.66 -5.83 -0.82
C CYS A 138 17.81 -6.35 0.59
N PHE A 139 16.78 -6.11 1.38
CA PHE A 139 16.69 -6.51 2.77
C PHE A 139 15.28 -6.97 3.06
N ALA A 140 15.15 -8.06 3.79
CA ALA A 140 13.84 -8.55 4.15
C ALA A 140 13.80 -8.82 5.64
N CYS A 141 12.65 -8.56 6.22
CA CYS A 141 12.43 -8.86 7.60
C CYS A 141 11.01 -9.36 7.75
N ILE A 142 10.85 -10.51 8.40
CA ILE A 142 9.54 -11.11 8.63
C ILE A 142 9.25 -11.18 10.12
N LEU A 143 8.11 -10.63 10.54
CA LEU A 143 7.67 -10.57 11.93
C LEU A 143 6.42 -11.42 12.18
N LEU A 144 6.56 -12.47 13.00
CA LEU A 144 5.42 -13.30 13.44
C LEU A 144 5.15 -13.10 14.94
N SER A 145 4.01 -12.56 15.33
CA SER A 145 3.77 -12.26 16.76
C SER A 145 2.31 -11.89 17.04
N HIS A 146 2.00 -11.45 18.23
CA HIS A 146 0.71 -10.85 18.56
C HIS A 146 0.80 -9.36 18.21
N GLY A 147 -0.35 -8.69 18.10
CA GLY A 147 -0.28 -7.27 17.75
C GLY A 147 -1.57 -6.50 17.89
N GLU A 148 -1.42 -5.16 17.89
CA GLU A 148 -2.52 -4.19 17.97
C GLU A 148 -2.26 -3.13 16.89
N GLU A 149 -3.19 -2.17 16.74
CA GLU A 149 -3.06 -1.15 15.71
C GLU A 149 -1.75 -0.37 15.86
N ASN A 150 -0.90 -0.42 14.82
CA ASN A 150 0.37 0.30 14.69
C ASN A 150 1.50 -0.21 15.58
N VAL A 151 1.32 -1.32 16.30
CA VAL A 151 2.24 -1.81 17.33
C VAL A 151 2.36 -3.33 17.24
N ILE A 152 3.55 -3.87 17.50
CA ILE A 152 3.77 -5.32 17.58
C ILE A 152 4.12 -5.70 19.01
N TYR A 153 3.82 -6.96 19.36
CA TYR A 153 4.07 -7.49 20.71
C TYR A 153 5.35 -8.33 20.74
N LYS A 155 8.04 -10.53 23.60
CA LYS A 155 7.78 -11.41 24.74
C LYS A 155 7.62 -10.57 26.00
N ASP A 156 8.25 -9.38 25.99
CA ASP A 156 8.26 -8.46 27.12
C ASP A 156 7.27 -7.30 27.00
N GLY A 157 6.60 -7.10 25.85
CA GLY A 157 5.66 -5.98 25.71
C GLY A 157 5.14 -5.53 24.35
N VAL A 158 5.50 -4.31 23.91
CA VAL A 158 4.97 -3.72 22.68
C VAL A 158 5.95 -2.67 22.15
N THR A 159 6.22 -2.71 20.82
CA THR A 159 7.13 -1.82 20.08
C THR A 159 6.43 -1.30 18.81
N PRO A 160 6.55 0.01 18.50
CA PRO A 160 5.89 0.57 17.29
C PRO A 160 6.57 0.17 15.98
N ILE A 161 5.78 -0.31 14.99
CA ILE A 161 6.34 -0.66 13.68
C ILE A 161 7.16 0.46 13.10
N LYS A 162 6.78 1.72 13.39
CA LYS A 162 7.56 2.83 12.92
C LYS A 162 8.98 2.77 13.47
N ASP A 163 9.16 2.29 14.71
CA ASP A 163 10.50 2.23 15.29
C ASP A 163 11.34 1.15 14.65
N LEU A 164 10.75 -0.02 14.41
CA LEU A 164 11.51 -1.11 13.79
C LEU A 164 11.93 -0.74 12.36
N THR A 165 11.12 0.04 11.67
CA THR A 165 11.45 0.35 10.25
C THR A 165 12.41 1.54 10.18
N ALA A 166 12.15 2.60 10.94
CA ALA A 166 12.97 3.83 10.88
C ALA A 166 14.46 3.51 10.69
N HIS A 167 14.99 2.57 11.46
CA HIS A 167 16.45 2.28 11.39
C HIS A 167 16.90 2.20 9.93
N PHE A 168 16.06 1.65 9.05
CA PHE A 168 16.49 1.43 7.64
C PHE A 168 16.09 2.62 6.78
N ARG A 169 15.68 3.72 7.38
CA ARG A 169 15.36 4.93 6.60
C ARG A 169 16.60 5.34 5.80
N GLY A 170 16.41 6.14 4.75
CA GLY A 170 17.54 6.52 3.89
C GLY A 170 18.78 6.91 4.66
N ASP A 171 18.76 8.09 5.30
CA ASP A 171 19.95 8.58 6.03
C ASP A 171 20.39 7.54 7.06
N ARG A 172 19.44 6.94 7.76
CA ARG A 172 19.77 5.99 8.85
C ARG A 172 20.58 4.79 8.31
N CYS A 173 20.57 4.57 6.99
CA CYS A 173 21.26 3.38 6.43
C CYS A 173 21.74 3.68 5.02
N LYS A 174 22.65 4.65 4.86
CA LYS A 174 23.03 5.02 3.49
C LYS A 174 23.33 3.80 2.60
N THR A 175 23.81 2.70 3.15
CA THR A 175 24.19 1.57 2.31
C THR A 175 23.01 0.80 1.73
N LEU A 176 21.77 1.13 2.13
CA LEU A 176 20.57 0.50 1.59
C LEU A 176 19.71 1.44 0.75
N LEU A 177 20.23 2.60 0.45
CA LEU A 177 19.46 3.60 -0.33
C LEU A 177 19.15 3.02 -1.71
N GLU A 178 18.00 3.32 -2.24
CA GLU A 178 17.58 2.88 -3.56
C GLU A 178 17.44 1.36 -3.64
N LYS A 179 17.38 0.68 -2.50
CA LYS A 179 17.17 -0.75 -2.51
C LYS A 179 15.89 -1.08 -1.76
N PRO A 180 15.22 -2.11 -2.20
CA PRO A 180 13.95 -2.43 -1.57
C PRO A 180 14.17 -2.97 -0.18
N LYS A 181 13.31 -2.52 0.72
CA LYS A 181 13.25 -3.00 2.09
C LYS A 181 11.88 -3.62 2.30
N LEU A 182 11.82 -4.93 2.44
CA LEU A 182 10.55 -5.64 2.58
C LEU A 182 10.33 -6.08 4.01
N PHE A 183 9.15 -5.81 4.52
CA PHE A 183 8.72 -6.20 5.83
C PHE A 183 7.44 -6.99 5.68
N PHE A 184 7.42 -8.20 6.18
CA PHE A 184 6.23 -9.04 6.14
C PHE A 184 5.78 -9.15 7.57
N ILE A 185 4.57 -8.70 7.87
CA ILE A 185 4.08 -8.71 9.24
C ILE A 185 2.85 -9.60 9.32
N GLN A 186 2.94 -10.72 10.07
CA GLN A 186 1.77 -11.54 10.42
C GLN A 186 1.33 -11.39 11.88
N ALA A 187 0.25 -10.66 12.14
CA ALA A 187 -0.25 -10.56 13.53
C ALA A 187 -1.69 -10.07 13.55
N CYS A 188 -2.29 -9.96 14.74
CA CYS A 188 -3.68 -9.43 14.86
C CYS A 188 -3.64 -7.90 14.77
N LYS A 214 18.68 15.20 -4.23
CA LYS A 214 18.16 14.51 -3.05
C LYS A 214 17.07 13.49 -3.42
N ILE A 215 16.84 12.51 -2.54
CA ILE A 215 15.80 11.49 -2.71
C ILE A 215 15.15 11.22 -1.33
N PRO A 216 13.88 10.75 -1.39
CA PRO A 216 13.12 10.61 -0.12
C PRO A 216 13.64 9.53 0.84
N VAL A 217 13.19 9.70 2.09
CA VAL A 217 13.61 8.93 3.27
C VAL A 217 12.75 7.68 3.47
N GLU A 218 11.45 7.76 3.24
CA GLU A 218 10.53 6.63 3.37
C GLU A 218 10.24 5.90 2.07
N ALA A 219 10.92 6.24 0.98
CA ALA A 219 10.73 5.54 -0.29
C ALA A 219 11.43 4.17 -0.27
N ASP A 220 10.98 3.29 -1.16
CA ASP A 220 11.51 1.93 -1.37
C ASP A 220 11.27 0.98 -0.21
N PHE A 221 10.24 1.21 0.58
CA PHE A 221 9.80 0.26 1.58
C PHE A 221 8.56 -0.49 1.08
N LEU A 222 8.36 -1.71 1.55
CA LEU A 222 7.15 -2.46 1.21
C LEU A 222 6.77 -3.30 2.42
N PHE A 223 5.53 -3.16 2.87
CA PHE A 223 4.97 -3.90 4.00
C PHE A 223 3.87 -4.83 3.55
N ALA A 224 3.99 -6.13 3.79
CA ALA A 224 2.85 -7.04 3.61
C ALA A 224 2.28 -7.43 4.97
N TYR A 225 1.21 -6.78 5.43
CA TYR A 225 0.53 -7.11 6.69
C TYR A 225 -0.45 -8.27 6.50
N SER A 226 -0.67 -9.09 7.55
CA SER A 226 -1.50 -10.29 7.37
C SER A 226 -2.99 -9.95 7.32
N THR A 227 -3.41 -8.83 7.92
CA THR A 227 -4.78 -8.32 7.85
C THR A 227 -4.73 -6.80 7.72
N VAL A 228 -5.89 -6.16 7.64
CA VAL A 228 -5.99 -4.70 7.50
C VAL A 228 -6.07 -4.06 8.89
N PRO A 229 -5.81 -2.74 9.05
CA PRO A 229 -5.84 -2.09 10.37
C PRO A 229 -7.14 -2.30 11.16
N SER A 233 -6.34 -11.69 12.35
CA SER A 233 -5.67 -12.69 11.51
C SER A 233 -5.77 -14.06 12.18
N TRP A 234 -6.15 -15.06 11.39
CA TRP A 234 -6.33 -16.43 11.86
C TRP A 234 -5.12 -17.32 11.58
N ARG A 235 -4.90 -18.31 12.47
CA ARG A 235 -3.75 -19.23 12.42
C ARG A 235 -4.23 -20.62 12.88
N SER A 236 -3.87 -21.68 12.13
CA SER A 236 -4.26 -23.06 12.51
C SER A 236 -3.20 -23.77 13.33
N PRO A 237 -3.49 -24.20 14.58
CA PRO A 237 -2.45 -24.85 15.41
C PRO A 237 -1.64 -25.92 14.67
N ARG A 239 -1.50 -26.59 10.99
CA ARG A 239 -1.09 -26.40 9.61
C ARG A 239 -0.38 -25.09 9.33
N GLY A 240 -0.47 -24.13 10.23
CA GLY A 240 0.16 -22.83 10.04
C GLY A 240 -0.86 -21.78 9.63
N SER A 241 -0.39 -20.55 9.47
CA SER A 241 -1.29 -19.45 9.09
C SER A 241 -1.68 -19.53 7.63
N TRP A 242 -2.86 -19.00 7.34
CA TRP A 242 -3.30 -18.90 5.96
C TRP A 242 -2.37 -18.00 5.15
N PHE A 243 -2.05 -16.81 5.69
CA PHE A 243 -1.19 -15.88 4.98
C PHE A 243 0.14 -16.50 4.62
N VAL A 244 0.75 -17.21 5.56
CA VAL A 244 2.09 -17.74 5.33
C VAL A 244 2.07 -18.97 4.44
N GLN A 245 1.12 -19.87 4.66
CA GLN A 245 0.98 -21.03 3.79
C GLN A 245 0.84 -20.59 2.33
N ALA A 246 -0.05 -19.63 2.08
CA ALA A 246 -0.25 -19.09 0.73
C ALA A 246 1.05 -18.51 0.18
N LEU A 247 1.63 -17.58 0.93
CA LEU A 247 2.85 -16.89 0.54
C LEU A 247 3.93 -17.88 0.17
N CYS A 248 4.04 -18.96 0.91
CA CYS A 248 5.04 -19.96 0.63
C CYS A 248 4.77 -20.77 -0.65
N SER A 249 3.51 -21.20 -0.91
CA SER A 249 3.29 -21.93 -2.17
C SER A 249 3.60 -21.04 -3.36
N ILE A 250 3.15 -19.78 -3.30
CA ILE A 250 3.42 -18.89 -4.43
C ILE A 250 4.91 -18.72 -4.60
N LEU A 251 5.63 -18.41 -3.53
CA LEU A 251 7.07 -18.21 -3.67
C LEU A 251 7.78 -19.45 -4.17
N GLU A 252 7.35 -20.63 -3.71
CA GLU A 252 7.96 -21.86 -4.21
C GLU A 252 7.82 -21.95 -5.72
N GLU A 253 6.60 -21.71 -6.25
CA GLU A 253 6.42 -21.90 -7.69
C GLU A 253 6.82 -20.71 -8.56
N HIS A 254 6.62 -19.48 -8.11
CA HIS A 254 6.86 -18.30 -8.95
C HIS A 254 7.84 -17.27 -8.43
N GLY A 255 8.44 -17.50 -7.27
CA GLY A 255 9.36 -16.52 -6.71
C GLY A 255 10.38 -16.00 -7.70
N LYS A 256 10.78 -16.83 -8.66
CA LYS A 256 11.79 -16.40 -9.59
C LYS A 256 11.21 -15.80 -10.86
N ASP A 257 9.90 -15.93 -11.09
CA ASP A 257 9.33 -15.46 -12.34
C ASP A 257 8.27 -14.39 -12.22
N LEU A 258 7.81 -14.05 -11.02
CA LEU A 258 6.82 -13.00 -10.89
C LEU A 258 7.36 -11.80 -10.14
N GLU A 259 6.79 -10.65 -10.45
CA GLU A 259 7.06 -9.41 -9.73
C GLU A 259 6.41 -9.45 -8.35
N ILE A 260 7.06 -8.77 -7.42
CA ILE A 260 6.63 -8.79 -6.02
C ILE A 260 5.13 -8.49 -5.89
N MET A 261 4.67 -7.46 -6.62
CA MET A 261 3.25 -7.08 -6.46
C MET A 261 2.35 -8.16 -7.04
N GLN A 262 2.80 -8.84 -8.10
CA GLN A 262 1.99 -9.91 -8.66
C GLN A 262 1.86 -11.03 -7.64
N ILE A 263 3.00 -11.44 -7.07
CA ILE A 263 3.03 -12.44 -6.03
C ILE A 263 2.10 -12.05 -4.89
N LEU A 264 2.30 -10.86 -4.36
CA LEU A 264 1.46 -10.47 -3.24
C LEU A 264 0.00 -10.41 -3.62
N THR A 265 -0.32 -9.99 -4.85
CA THR A 265 -1.73 -9.98 -5.23
C THR A 265 -2.29 -11.40 -5.29
N ARG A 266 -1.51 -12.34 -5.81
CA ARG A 266 -1.96 -13.72 -5.80
C ARG A 266 -2.14 -14.24 -4.39
N VAL A 267 -1.27 -13.81 -3.46
CA VAL A 267 -1.43 -14.24 -2.08
C VAL A 267 -2.73 -13.69 -1.51
N ASN A 268 -3.02 -12.44 -1.80
CA ASN A 268 -4.26 -11.81 -1.36
C ASN A 268 -5.44 -12.68 -1.80
N ASP A 269 -5.40 -13.16 -3.04
CA ASP A 269 -6.56 -13.93 -3.55
C ASP A 269 -6.70 -15.23 -2.76
N ARG A 270 -5.72 -16.12 -2.87
CA ARG A 270 -5.79 -17.42 -2.17
C ARG A 270 -6.37 -17.19 -0.78
N VAL A 271 -5.73 -16.34 0.02
CA VAL A 271 -6.19 -16.10 1.40
C VAL A 271 -7.69 -15.86 1.34
N ALA A 272 -8.10 -14.85 0.57
CA ALA A 272 -9.54 -14.51 0.50
C ALA A 272 -10.37 -15.75 0.21
N ARG A 273 -10.01 -16.50 -0.83
CA ARG A 273 -10.81 -17.68 -1.22
C ARG A 273 -10.85 -18.75 -0.13
N HIS A 274 -9.69 -19.32 0.21
CA HIS A 274 -9.62 -20.38 1.25
C HIS A 274 -10.40 -19.91 2.47
N PHE A 275 -10.27 -18.63 2.82
CA PHE A 275 -10.98 -18.08 4.00
C PHE A 275 -12.32 -18.79 4.13
N GLU A 276 -12.45 -19.68 5.13
CA GLU A 276 -13.73 -20.40 5.36
C GLU A 276 -14.07 -20.32 6.85
N LYS A 288 -13.69 -13.59 8.00
CA LYS A 288 -12.68 -13.56 6.98
C LYS A 288 -11.63 -12.49 7.26
N GLN A 289 -10.57 -12.52 6.47
CA GLN A 289 -9.46 -11.59 6.59
C GLN A 289 -8.82 -11.45 5.21
N ILE A 290 -8.35 -10.25 4.91
CA ILE A 290 -7.68 -10.01 3.64
C ILE A 290 -6.37 -9.34 4.02
N PRO A 291 -5.22 -9.84 3.52
CA PRO A 291 -3.95 -9.17 3.79
C PRO A 291 -3.97 -7.75 3.23
N CYS A 292 -2.90 -6.98 3.59
CA CYS A 292 -2.78 -5.59 3.10
C CYS A 292 -1.35 -5.36 2.62
N VAL A 293 -1.22 -4.81 1.37
CA VAL A 293 0.13 -4.53 0.85
C VAL A 293 0.32 -3.02 0.76
N VAL A 294 1.36 -2.51 1.41
CA VAL A 294 1.65 -1.09 1.33
C VAL A 294 2.97 -0.97 0.59
N SER A 295 2.95 -0.24 -0.52
CA SER A 295 4.13 -0.16 -1.36
C SER A 295 4.52 1.28 -1.61
N MET A 296 5.81 1.54 -1.37
CA MET A 296 6.53 2.76 -1.70
C MET A 296 7.68 2.42 -2.61
N LEU A 297 7.61 1.24 -3.22
CA LEU A 297 8.62 0.82 -4.15
C LEU A 297 8.61 1.80 -5.31
N THR A 298 9.76 1.97 -5.94
CA THR A 298 9.90 2.87 -7.08
C THR A 298 10.22 2.08 -8.34
N LYS A 299 10.22 0.76 -8.26
CA LYS A 299 10.54 -0.09 -9.39
C LYS A 299 9.81 -1.42 -9.21
N GLU A 300 9.92 -2.23 -10.24
CA GLU A 300 9.36 -3.57 -10.20
C GLU A 300 10.43 -4.44 -9.55
N LEU A 301 9.99 -5.35 -8.73
CA LEU A 301 10.93 -6.20 -8.03
C LEU A 301 10.80 -7.63 -8.53
N TYR A 302 11.89 -8.14 -9.08
CA TYR A 302 11.98 -9.52 -9.52
C TYR A 302 13.19 -10.13 -8.83
N PHE A 303 13.03 -11.32 -8.26
CA PHE A 303 14.15 -11.98 -7.63
C PHE A 303 15.01 -12.72 -8.66
N SER A 304 15.47 -11.96 -9.67
CA SER A 304 16.28 -12.51 -10.74
C SER A 304 16.75 -11.39 -11.66
N ARG B 54 6.04 -7.41 -19.76
CA ARG B 54 5.71 -8.81 -19.47
C ARG B 54 4.42 -9.28 -20.18
N ASP B 55 3.83 -10.33 -19.63
CA ASP B 55 2.74 -11.09 -20.25
C ASP B 55 1.38 -10.54 -19.82
N ARG B 56 0.34 -11.36 -20.03
CA ARG B 56 -1.05 -11.02 -19.61
C ARG B 56 -1.74 -12.35 -19.25
N VAL B 57 -1.26 -13.04 -18.21
CA VAL B 57 -1.78 -14.40 -17.86
C VAL B 57 -3.23 -14.38 -17.40
N PRO B 58 -4.10 -15.26 -17.95
CA PRO B 58 -5.53 -15.28 -17.59
C PRO B 58 -5.83 -15.80 -16.18
N THR B 59 -7.12 -15.91 -15.81
CA THR B 59 -7.52 -16.36 -14.46
C THR B 59 -6.99 -15.37 -13.43
N TYR B 60 -5.84 -14.77 -13.71
CA TYR B 60 -5.26 -13.78 -12.80
C TYR B 60 -5.58 -12.32 -13.12
N GLN B 61 -6.50 -12.10 -14.08
CA GLN B 61 -6.80 -10.70 -14.49
C GLN B 61 -8.25 -10.37 -14.16
N TYR B 62 -8.50 -9.13 -13.68
CA TYR B 62 -9.86 -8.72 -13.36
C TYR B 62 -10.67 -8.75 -14.63
N ASN B 63 -11.86 -9.33 -14.54
CA ASN B 63 -12.74 -9.44 -15.69
C ASN B 63 -13.20 -8.04 -16.12
N MET B 64 -12.74 -7.62 -17.30
CA MET B 64 -13.13 -6.37 -17.92
C MET B 64 -14.19 -6.50 -18.99
N ASN B 65 -14.82 -7.65 -19.12
CA ASN B 65 -15.82 -7.81 -20.16
C ASN B 65 -17.17 -7.32 -19.62
N PHE B 66 -17.28 -5.98 -19.55
CA PHE B 66 -18.49 -5.33 -19.07
C PHE B 66 -18.88 -4.23 -20.04
N GLU B 67 -20.16 -3.85 -19.92
CA GLU B 67 -20.74 -2.80 -20.77
C GLU B 67 -19.97 -1.48 -20.68
N LYS B 68 -19.55 -1.10 -19.48
CA LYS B 68 -18.86 0.17 -19.28
C LYS B 68 -17.70 -0.04 -18.31
N LEU B 69 -16.67 0.82 -18.44
CA LEU B 69 -15.53 0.77 -17.52
C LEU B 69 -15.95 1.06 -16.07
N GLY B 70 -16.74 2.10 -15.87
CA GLY B 70 -17.24 2.41 -14.56
C GLY B 70 -17.33 3.89 -14.23
N LYS B 71 -17.91 4.18 -13.07
CA LYS B 71 -18.05 5.54 -12.57
C LYS B 71 -16.70 6.07 -12.07
N CYS B 72 -16.52 7.39 -12.16
CA CYS B 72 -15.28 8.03 -11.66
C CYS B 72 -15.68 9.37 -11.04
N ILE B 73 -15.91 9.36 -9.73
CA ILE B 73 -16.22 10.61 -9.06
C ILE B 73 -14.95 11.39 -8.77
N ILE B 74 -14.96 12.67 -9.07
CA ILE B 74 -13.84 13.53 -8.73
C ILE B 74 -14.36 14.62 -7.80
N ILE B 75 -13.84 14.66 -6.56
CA ILE B 75 -14.24 15.71 -5.62
C ILE B 75 -13.14 16.76 -5.59
N ASN B 76 -13.41 17.93 -6.11
CA ASN B 76 -12.42 18.99 -6.23
C ASN B 76 -12.69 20.11 -5.24
N ASN B 77 -12.04 20.05 -4.06
CA ASN B 77 -12.23 21.05 -3.01
C ASN B 77 -11.10 22.06 -3.05
N LYS B 78 -11.45 23.28 -3.40
CA LYS B 78 -10.49 24.36 -3.57
C LYS B 78 -10.63 25.46 -2.54
N ASN B 79 -11.85 25.79 -2.18
CA ASN B 79 -12.15 26.86 -1.26
C ASN B 79 -12.77 26.28 -0.01
N PHE B 80 -12.27 26.71 1.14
CA PHE B 80 -12.71 26.25 2.45
C PHE B 80 -13.19 27.42 3.29
N ASP B 81 -14.10 27.14 4.23
CA ASP B 81 -14.59 28.18 5.13
C ASP B 81 -13.45 28.73 5.99
N LYS B 82 -13.52 30.04 6.31
CA LYS B 82 -12.48 30.67 7.15
C LYS B 82 -12.23 29.89 8.44
N VAL B 83 -13.31 29.44 9.11
CA VAL B 83 -13.18 28.79 10.42
C VAL B 83 -12.25 27.59 10.36
N THR B 84 -11.99 27.06 9.18
CA THR B 84 -11.14 25.90 9.10
C THR B 84 -9.68 26.28 9.15
N GLY B 85 -9.36 27.55 8.91
CA GLY B 85 -7.96 27.89 8.86
C GLY B 85 -7.24 27.43 7.63
N MET B 86 -7.98 26.83 6.70
CA MET B 86 -7.42 26.27 5.46
C MET B 86 -7.45 27.28 4.33
N GLY B 87 -6.42 27.22 3.45
CA GLY B 87 -6.29 28.15 2.36
C GLY B 87 -6.72 27.62 1.00
N VAL B 88 -6.83 28.55 0.06
CA VAL B 88 -7.17 28.16 -1.30
C VAL B 88 -6.14 27.20 -1.84
N ARG B 89 -6.61 26.12 -2.44
CA ARG B 89 -5.69 25.17 -3.04
C ARG B 89 -5.47 25.58 -4.49
N ASN B 90 -4.61 26.57 -4.69
CA ASN B 90 -4.25 27.01 -6.04
C ASN B 90 -3.63 25.85 -6.78
N GLY B 91 -4.04 25.66 -8.02
CA GLY B 91 -3.54 24.58 -8.82
C GLY B 91 -4.45 23.38 -8.83
N THR B 92 -5.42 23.31 -7.92
CA THR B 92 -6.27 22.14 -7.86
C THR B 92 -7.20 22.04 -9.09
N ASP B 93 -7.68 23.19 -9.61
CA ASP B 93 -8.52 23.17 -10.82
C ASP B 93 -7.79 22.51 -11.97
N LYS B 94 -6.51 22.83 -12.14
CA LYS B 94 -5.68 22.18 -13.15
C LYS B 94 -5.60 20.67 -12.89
N ASP B 95 -5.49 20.27 -11.61
CA ASP B 95 -5.45 18.86 -11.31
C ASP B 95 -6.73 18.18 -11.73
N ALA B 96 -7.87 18.82 -11.45
CA ALA B 96 -9.16 18.20 -11.78
C ALA B 96 -9.39 18.13 -13.30
N GLU B 97 -8.93 19.15 -14.04
CA GLU B 97 -9.15 19.14 -15.48
C GLU B 97 -8.29 18.06 -16.11
N ALA B 98 -7.05 17.97 -15.67
CA ALA B 98 -6.14 16.97 -16.28
C ALA B 98 -6.66 15.57 -16.00
N LEU B 99 -7.28 15.36 -14.85
CA LEU B 99 -7.71 13.99 -14.47
C LEU B 99 -8.99 13.66 -15.21
N PHE B 100 -9.98 14.55 -15.12
CA PHE B 100 -11.25 14.32 -15.86
C PHE B 100 -10.90 13.89 -17.27
N LYS B 101 -9.89 14.54 -17.84
CA LYS B 101 -9.55 14.23 -19.21
C LYS B 101 -8.87 12.85 -19.26
N CYS B 102 -8.05 12.54 -18.26
CA CYS B 102 -7.40 11.23 -18.25
C CYS B 102 -8.38 10.08 -18.07
N PHE B 103 -9.26 10.19 -17.09
CA PHE B 103 -10.16 9.08 -16.83
C PHE B 103 -11.26 8.98 -17.85
N ARG B 104 -11.61 10.08 -18.54
CA ARG B 104 -12.57 9.94 -19.62
C ARG B 104 -11.91 9.16 -20.73
N SER B 105 -10.67 9.54 -21.06
CA SER B 105 -9.91 8.83 -22.07
C SER B 105 -9.79 7.36 -21.74
N LEU B 106 -9.73 7.02 -20.47
CA LEU B 106 -9.64 5.62 -20.10
C LEU B 106 -10.93 4.84 -20.35
N GLY B 107 -12.07 5.54 -20.33
CA GLY B 107 -13.35 4.90 -20.53
C GLY B 107 -14.29 5.06 -19.35
N PHE B 108 -13.92 5.94 -18.42
CA PHE B 108 -14.76 6.23 -17.26
C PHE B 108 -15.86 7.25 -17.57
N ASP B 109 -16.94 7.16 -16.80
CA ASP B 109 -18.02 8.16 -16.75
C ASP B 109 -17.65 9.12 -15.62
N VAL B 110 -16.88 10.18 -15.92
CA VAL B 110 -16.41 11.03 -14.81
C VAL B 110 -17.41 12.13 -14.48
N ILE B 111 -17.63 12.33 -13.19
CA ILE B 111 -18.44 13.40 -12.65
C ILE B 111 -17.53 14.23 -11.74
N VAL B 112 -17.54 15.54 -11.88
CA VAL B 112 -16.66 16.37 -11.07
C VAL B 112 -17.48 17.26 -10.14
N TYR B 113 -17.32 17.07 -8.84
CA TYR B 113 -17.95 17.92 -7.83
C TYR B 113 -16.96 18.97 -7.37
N ASN B 114 -17.45 20.11 -6.88
CA ASN B 114 -16.58 21.21 -6.50
C ASN B 114 -17.00 21.85 -5.17
N ASP B 115 -16.01 22.21 -4.35
CA ASP B 115 -16.18 22.87 -3.03
C ASP B 115 -17.27 22.22 -2.17
N CYS B 116 -17.17 20.91 -1.99
CA CYS B 116 -18.14 20.12 -1.24
C CYS B 116 -18.00 20.22 0.26
N SER B 117 -19.13 20.14 0.95
CA SER B 117 -19.19 20.02 2.40
C SER B 117 -18.95 18.56 2.81
N CYS B 118 -18.90 18.34 4.11
CA CYS B 118 -18.70 16.99 4.60
C CYS B 118 -19.97 16.16 4.41
N ALA B 119 -21.13 16.79 4.62
CA ALA B 119 -22.36 16.05 4.43
C ALA B 119 -22.51 15.71 2.97
N LYS B 120 -22.11 16.63 2.10
CA LYS B 120 -22.19 16.36 0.68
C LYS B 120 -21.27 15.21 0.31
N MET B 121 -20.06 15.24 0.84
CA MET B 121 -19.08 14.20 0.44
C MET B 121 -19.60 12.83 0.89
N GLN B 122 -20.14 12.72 2.10
CA GLN B 122 -20.63 11.42 2.53
C GLN B 122 -21.84 10.99 1.74
N ASP B 123 -22.76 11.92 1.53
CA ASP B 123 -24.00 11.59 0.85
C ASP B 123 -23.73 11.15 -0.59
N LEU B 124 -22.96 11.94 -1.32
CA LEU B 124 -22.71 11.57 -2.70
C LEU B 124 -22.02 10.21 -2.77
N LEU B 125 -21.11 9.88 -1.83
CA LEU B 125 -20.49 8.57 -1.94
C LEU B 125 -21.45 7.44 -1.55
N LYS B 126 -22.29 7.69 -0.56
CA LYS B 126 -23.30 6.68 -0.20
C LYS B 126 -24.28 6.45 -1.35
N LYS B 127 -24.70 7.52 -1.98
CA LYS B 127 -25.61 7.43 -3.13
C LYS B 127 -24.96 6.73 -4.29
N ALA B 128 -23.71 7.08 -4.57
CA ALA B 128 -22.97 6.40 -5.61
C ALA B 128 -22.86 4.92 -5.31
N SER B 129 -22.78 4.56 -4.03
CA SER B 129 -22.69 3.14 -3.70
C SER B 129 -24.02 2.44 -3.82
N GLU B 130 -25.14 3.15 -3.77
CA GLU B 130 -26.43 2.47 -3.94
C GLU B 130 -26.86 2.34 -5.40
N GLU B 131 -26.10 2.87 -6.35
CA GLU B 131 -26.48 2.69 -7.74
C GLU B 131 -26.18 1.24 -8.11
N ASP B 132 -26.53 0.85 -9.34
CA ASP B 132 -26.35 -0.51 -9.81
C ASP B 132 -25.10 -0.54 -10.67
N HIS B 133 -24.09 -1.28 -10.18
CA HIS B 133 -22.81 -1.33 -10.86
C HIS B 133 -22.61 -2.63 -11.63
N THR B 134 -23.63 -3.49 -11.68
CA THR B 134 -23.63 -4.78 -12.35
C THR B 134 -22.98 -4.70 -13.72
N ASN B 135 -23.22 -3.58 -14.37
CA ASN B 135 -22.81 -3.28 -15.72
C ASN B 135 -21.45 -2.59 -15.82
N ALA B 136 -20.76 -2.39 -14.69
CA ALA B 136 -19.48 -1.67 -14.63
C ALA B 136 -18.34 -2.62 -14.27
N ALA B 137 -17.18 -2.42 -14.89
CA ALA B 137 -16.03 -3.26 -14.54
C ALA B 137 -15.38 -2.89 -13.22
N CYS B 138 -15.49 -1.63 -12.82
CA CYS B 138 -14.82 -1.22 -11.61
C CYS B 138 -15.40 0.13 -11.20
N PHE B 139 -14.78 0.74 -10.22
CA PHE B 139 -15.21 2.01 -9.72
C PHE B 139 -13.98 2.78 -9.28
N ALA B 140 -14.07 4.10 -9.35
CA ALA B 140 -12.92 4.91 -8.99
C ALA B 140 -13.41 6.21 -8.40
N CYS B 141 -12.68 6.69 -7.41
CA CYS B 141 -13.04 7.92 -6.74
C CYS B 141 -11.74 8.69 -6.49
N ILE B 142 -11.76 9.99 -6.79
CA ILE B 142 -10.56 10.83 -6.66
C ILE B 142 -10.88 12.04 -5.78
N LEU B 143 -10.18 12.13 -4.64
CA LEU B 143 -10.36 13.20 -3.68
C LEU B 143 -9.18 14.16 -3.76
N LEU B 144 -9.46 15.45 -3.95
CA LEU B 144 -8.46 16.52 -4.02
C LEU B 144 -8.81 17.55 -2.95
N SER B 145 -8.03 17.62 -1.90
CA SER B 145 -8.42 18.50 -0.80
C SER B 145 -7.26 18.61 0.20
N HIS B 146 -7.53 19.31 1.31
CA HIS B 146 -6.62 19.32 2.45
C HIS B 146 -6.87 18.05 3.27
N GLY B 147 -5.84 17.63 4.00
CA GLY B 147 -6.06 16.47 4.84
C GLY B 147 -5.06 16.38 5.98
N GLU B 148 -5.36 15.45 6.88
CA GLU B 148 -4.60 15.16 8.10
C GLU B 148 -4.80 13.68 8.40
N GLU B 149 -3.97 13.11 9.26
CA GLU B 149 -3.97 11.67 9.49
C GLU B 149 -5.38 11.09 9.54
N ASN B 150 -5.71 10.21 8.60
CA ASN B 150 -7.00 9.46 8.63
C ASN B 150 -8.23 10.33 8.33
N VAL B 151 -8.05 11.58 7.91
CA VAL B 151 -9.18 12.46 7.68
C VAL B 151 -8.91 13.36 6.50
N ILE B 152 -9.99 13.75 5.83
CA ILE B 152 -9.94 14.66 4.69
C ILE B 152 -10.88 15.84 4.96
N TYR B 153 -10.49 17.01 4.50
CA TYR B 153 -11.30 18.18 4.73
C TYR B 153 -12.42 18.41 3.72
N GLY B 154 -13.57 18.80 4.26
CA GLY B 154 -14.60 19.41 3.46
C GLY B 154 -14.47 20.91 3.60
N LYS B 155 -15.43 21.63 3.01
CA LYS B 155 -15.31 23.07 3.16
C LYS B 155 -15.75 23.53 4.56
N ASP B 156 -16.64 22.79 5.22
CA ASP B 156 -17.14 23.05 6.57
C ASP B 156 -16.29 22.39 7.67
N GLY B 157 -15.51 21.36 7.34
CA GLY B 157 -14.70 20.69 8.32
C GLY B 157 -13.91 19.48 7.85
N VAL B 158 -14.12 18.35 8.50
CA VAL B 158 -13.20 17.23 8.41
C VAL B 158 -14.00 15.96 8.60
N THR B 159 -13.75 14.98 7.75
CA THR B 159 -14.40 13.71 7.91
C THR B 159 -13.40 12.59 7.63
N PRO B 160 -13.44 11.52 8.41
CA PRO B 160 -12.49 10.40 8.19
C PRO B 160 -12.72 9.70 6.84
N ILE B 161 -11.64 9.46 6.07
CA ILE B 161 -11.73 8.74 4.82
C ILE B 161 -12.27 7.32 5.05
N LYS B 162 -12.00 6.71 6.20
CA LYS B 162 -12.53 5.36 6.35
C LYS B 162 -14.05 5.37 6.29
N ASP B 163 -14.68 6.42 6.79
CA ASP B 163 -16.14 6.51 6.70
C ASP B 163 -16.60 6.72 5.27
N LEU B 164 -15.80 7.39 4.44
CA LEU B 164 -16.19 7.65 3.04
C LEU B 164 -16.08 6.38 2.22
N THR B 165 -15.04 5.61 2.43
CA THR B 165 -14.83 4.39 1.68
C THR B 165 -15.69 3.23 2.18
N ALA B 166 -16.18 3.32 3.42
CA ALA B 166 -16.97 2.23 3.97
C ALA B 166 -18.21 1.95 3.15
N HIS B 167 -18.78 2.99 2.54
CA HIS B 167 -20.00 2.83 1.76
C HIS B 167 -19.88 1.70 0.73
N PHE B 168 -18.66 1.46 0.20
CA PHE B 168 -18.43 0.47 -0.85
C PHE B 168 -17.96 -0.89 -0.34
N ARG B 169 -18.00 -1.17 0.96
CA ARG B 169 -17.61 -2.51 1.38
C ARG B 169 -18.54 -3.54 0.78
N GLY B 170 -18.00 -4.72 0.51
CA GLY B 170 -18.81 -5.79 -0.08
C GLY B 170 -20.21 -6.01 0.46
N ASP B 171 -20.39 -5.98 1.78
CA ASP B 171 -21.71 -6.21 2.35
C ASP B 171 -22.60 -4.99 2.29
N ARG B 172 -22.08 -3.86 1.84
CA ARG B 172 -22.82 -2.62 1.75
C ARG B 172 -23.00 -2.14 0.33
N CYS B 173 -22.40 -2.83 -0.65
CA CYS B 173 -22.42 -2.39 -2.04
C CYS B 173 -22.27 -3.68 -2.86
N LYS B 174 -23.36 -4.43 -2.93
CA LYS B 174 -23.29 -5.77 -3.52
C LYS B 174 -23.01 -5.70 -5.01
N THR B 175 -23.35 -4.61 -5.69
CA THR B 175 -23.14 -4.63 -7.14
C THR B 175 -21.70 -4.35 -7.55
N LEU B 176 -20.83 -3.94 -6.62
CA LEU B 176 -19.39 -3.77 -6.85
C LEU B 176 -18.55 -4.89 -6.24
N LEU B 177 -19.17 -5.85 -5.60
CA LEU B 177 -18.50 -7.00 -5.02
C LEU B 177 -17.63 -7.75 -6.04
N GLU B 178 -16.39 -8.06 -5.64
CA GLU B 178 -15.35 -8.76 -6.43
C GLU B 178 -14.77 -7.90 -7.54
N LYS B 179 -15.09 -6.65 -7.55
CA LYS B 179 -14.65 -5.67 -8.52
C LYS B 179 -13.77 -4.62 -7.87
N PRO B 180 -12.80 -4.08 -8.58
CA PRO B 180 -11.87 -3.12 -7.99
C PRO B 180 -12.52 -1.79 -7.68
N LYS B 181 -12.17 -1.27 -6.51
CA LYS B 181 -12.65 -0.01 -5.97
C LYS B 181 -11.41 0.87 -5.77
N LEU B 182 -11.06 1.67 -6.76
CA LEU B 182 -9.87 2.51 -6.67
C LEU B 182 -10.14 3.85 -5.98
N PHE B 183 -9.19 4.28 -5.17
CA PHE B 183 -9.28 5.55 -4.49
C PHE B 183 -7.97 6.30 -4.56
N PHE B 184 -8.01 7.48 -5.12
CA PHE B 184 -6.81 8.29 -5.26
C PHE B 184 -7.00 9.51 -4.37
N ILE B 185 -6.05 9.79 -3.48
CA ILE B 185 -6.21 10.87 -2.51
C ILE B 185 -5.04 11.80 -2.62
N GLN B 186 -5.32 13.05 -2.97
CA GLN B 186 -4.26 14.08 -3.00
C GLN B 186 -4.56 15.03 -1.84
N ALA B 187 -3.85 14.86 -0.74
CA ALA B 187 -4.08 15.70 0.45
C ALA B 187 -2.97 15.46 1.45
N CYS B 188 -2.52 16.50 2.16
CA CYS B 188 -1.53 16.26 3.24
C CYS B 188 -2.08 15.14 4.13
N ASP B 195 12.86 14.59 4.33
CA ASP B 195 13.92 15.59 4.25
C ASP B 195 14.79 15.36 3.00
N GLY B 196 15.17 14.12 2.75
CA GLY B 196 15.92 13.79 1.54
C GLY B 196 17.31 13.27 1.83
N ILE B 197 18.10 13.19 0.76
CA ILE B 197 19.49 12.72 0.83
C ILE B 197 20.18 12.97 -0.52
N ILE B 215 -17.32 -13.62 0.44
CA ILE B 215 -16.13 -12.83 0.16
C ILE B 215 -15.84 -11.83 1.28
N PRO B 216 -14.57 -11.49 1.51
CA PRO B 216 -14.26 -10.51 2.56
C PRO B 216 -14.75 -9.14 2.16
N VAL B 217 -14.96 -8.31 3.18
CA VAL B 217 -15.58 -7.01 2.98
C VAL B 217 -14.59 -5.94 2.63
N GLU B 218 -13.31 -6.22 2.71
CA GLU B 218 -12.29 -5.26 2.37
C GLU B 218 -11.43 -5.66 1.19
N ALA B 219 -11.71 -6.81 0.57
CA ALA B 219 -11.05 -7.15 -0.68
C ALA B 219 -11.37 -6.16 -1.79
N ASP B 220 -10.45 -6.11 -2.77
CA ASP B 220 -10.62 -5.37 -4.01
C ASP B 220 -10.62 -3.86 -3.82
N PHE B 221 -10.13 -3.35 -2.70
CA PHE B 221 -9.94 -1.92 -2.58
C PHE B 221 -8.49 -1.60 -2.94
N LEU B 222 -8.24 -0.34 -3.31
CA LEU B 222 -6.87 0.06 -3.57
C LEU B 222 -6.81 1.57 -3.41
N PHE B 223 -5.87 2.02 -2.59
CA PHE B 223 -5.67 3.42 -2.29
C PHE B 223 -4.31 3.89 -2.76
N ALA B 224 -4.29 5.01 -3.45
CA ALA B 224 -3.04 5.63 -3.86
C ALA B 224 -3.05 7.00 -3.21
N TYR B 225 -2.37 7.13 -2.07
CA TYR B 225 -2.29 8.41 -1.39
C TYR B 225 -1.12 9.20 -1.97
N SER B 226 -1.24 10.53 -1.95
CA SER B 226 -0.20 11.30 -2.60
C SER B 226 1.10 11.33 -1.82
N THR B 227 1.06 11.11 -0.49
CA THR B 227 2.24 11.01 0.35
C THR B 227 2.04 9.91 1.42
N VAL B 228 3.05 9.67 2.26
CA VAL B 228 2.97 8.62 3.28
C VAL B 228 2.38 9.21 4.56
N PRO B 229 1.81 8.39 5.52
CA PRO B 229 1.19 8.97 6.73
C PRO B 229 2.13 9.88 7.52
N GLY B 230 1.79 11.17 7.60
CA GLY B 230 2.46 12.10 8.49
C GLY B 230 3.32 13.17 7.84
N TYR B 231 3.64 13.05 6.56
CA TYR B 231 4.41 14.07 5.86
C TYR B 231 3.47 14.94 5.03
N TYR B 232 4.00 15.99 4.40
CA TYR B 232 3.08 16.90 3.66
C TYR B 232 3.17 16.62 2.16
N SER B 233 2.05 16.75 1.44
CA SER B 233 2.05 16.54 -0.03
C SER B 233 2.09 17.89 -0.74
N TRP B 234 3.05 18.06 -1.66
CA TRP B 234 3.23 19.40 -2.31
C TRP B 234 2.30 19.59 -3.51
N ARG B 235 2.20 20.81 -4.01
CA ARG B 235 1.31 21.13 -5.16
C ARG B 235 1.72 22.48 -5.74
N SER B 236 2.11 22.52 -7.01
CA SER B 236 2.52 23.78 -7.67
C SER B 236 1.30 24.68 -7.86
N PRO B 237 1.31 25.91 -7.31
CA PRO B 237 0.14 26.80 -7.39
C PRO B 237 -0.32 27.04 -8.83
N GLY B 238 0.48 26.66 -9.82
CA GLY B 238 0.12 26.92 -11.22
C GLY B 238 0.52 25.78 -12.13
N ARG B 239 0.84 24.61 -11.57
CA ARG B 239 1.15 23.42 -12.40
C ARG B 239 0.34 22.25 -11.85
N GLY B 240 -0.04 22.32 -10.58
CA GLY B 240 -0.89 21.26 -9.99
C GLY B 240 -0.11 20.30 -9.13
N SER B 241 -0.81 19.52 -8.29
CA SER B 241 -0.14 18.51 -7.44
C SER B 241 0.84 17.70 -8.29
N TRP B 242 2.04 17.48 -7.78
CA TRP B 242 3.04 16.66 -8.51
C TRP B 242 2.44 15.29 -8.75
N PHE B 243 1.87 14.69 -7.71
CA PHE B 243 1.22 13.38 -7.84
C PHE B 243 0.28 13.41 -9.04
N VAL B 244 -0.56 14.44 -9.11
CA VAL B 244 -1.55 14.44 -10.17
C VAL B 244 -0.89 14.56 -11.54
N GLN B 245 0.00 15.55 -11.68
CA GLN B 245 0.74 15.76 -12.93
C GLN B 245 1.39 14.47 -13.39
N ALA B 246 2.09 13.83 -12.47
CA ALA B 246 2.82 12.61 -12.80
C ALA B 246 1.89 11.50 -13.22
N LEU B 247 0.82 11.31 -12.45
CA LEU B 247 -0.16 10.27 -12.73
C LEU B 247 -0.75 10.46 -14.12
N CYS B 248 -1.24 11.68 -14.40
CA CYS B 248 -1.81 11.97 -15.70
C CYS B 248 -0.80 11.66 -16.81
N SER B 249 0.44 12.11 -16.66
CA SER B 249 1.47 11.79 -17.64
C SER B 249 1.57 10.28 -17.90
N ILE B 250 1.70 9.50 -16.82
CA ILE B 250 1.84 8.05 -16.94
C ILE B 250 0.62 7.40 -17.59
N LEU B 251 -0.58 7.81 -17.16
CA LEU B 251 -1.80 7.26 -17.76
C LEU B 251 -1.92 7.56 -19.25
N GLU B 252 -1.59 8.78 -19.67
CA GLU B 252 -1.65 9.07 -21.10
C GLU B 252 -0.71 8.14 -21.86
N GLU B 253 0.50 7.92 -21.35
CA GLU B 253 1.42 7.13 -22.18
C GLU B 253 1.16 5.63 -22.07
N HIS B 254 0.67 5.13 -20.92
CA HIS B 254 0.58 3.69 -20.69
C HIS B 254 -0.70 3.19 -20.02
N GLY B 255 -1.74 4.00 -19.89
CA GLY B 255 -2.95 3.57 -19.19
C GLY B 255 -3.67 2.34 -19.72
N LYS B 256 -3.52 2.00 -20.98
CA LYS B 256 -4.27 0.88 -21.53
C LYS B 256 -3.42 -0.35 -21.75
N ASP B 257 -2.13 -0.24 -21.48
CA ASP B 257 -1.20 -1.33 -21.64
C ASP B 257 -0.35 -1.77 -20.44
N LEU B 258 -0.45 -1.10 -19.27
CA LEU B 258 0.23 -1.51 -18.03
C LEU B 258 -0.74 -1.82 -16.91
N GLU B 259 -0.33 -2.76 -16.05
CA GLU B 259 -1.13 -3.09 -14.90
C GLU B 259 -1.03 -1.97 -13.88
N ILE B 260 -2.09 -1.82 -13.10
CA ILE B 260 -2.24 -0.70 -12.16
C ILE B 260 -1.02 -0.54 -11.25
N MET B 261 -0.50 -1.65 -10.74
CA MET B 261 0.63 -1.50 -9.78
C MET B 261 1.85 -0.98 -10.56
N GLN B 262 2.05 -1.42 -11.80
CA GLN B 262 3.19 -0.86 -12.52
C GLN B 262 3.02 0.63 -12.73
N ILE B 263 1.79 1.07 -12.97
CA ILE B 263 1.53 2.49 -13.16
C ILE B 263 1.79 3.23 -11.86
N LEU B 264 1.21 2.77 -10.76
CA LEU B 264 1.44 3.50 -9.52
C LEU B 264 2.91 3.46 -9.09
N THR B 265 3.61 2.37 -9.39
CA THR B 265 5.04 2.29 -9.08
C THR B 265 5.80 3.30 -9.91
N ARG B 266 5.45 3.43 -11.18
CA ARG B 266 6.11 4.41 -12.00
C ARG B 266 5.82 5.81 -11.49
N VAL B 267 4.63 6.03 -10.93
CA VAL B 267 4.30 7.32 -10.35
C VAL B 267 5.13 7.58 -9.10
N ASN B 268 5.36 6.54 -8.28
CA ASN B 268 6.24 6.66 -7.12
C ASN B 268 7.60 7.15 -7.58
N ASP B 269 8.11 6.50 -8.62
CA ASP B 269 9.43 6.94 -9.14
C ASP B 269 9.31 8.36 -9.68
N ARG B 270 8.25 8.67 -10.43
CA ARG B 270 8.27 10.05 -10.99
C ARG B 270 8.37 11.05 -9.84
N VAL B 271 7.44 11.00 -8.90
CA VAL B 271 7.42 11.92 -7.77
C VAL B 271 8.75 11.98 -7.06
N ALA B 272 9.36 10.83 -6.83
CA ALA B 272 10.63 10.81 -6.09
C ALA B 272 11.71 11.59 -6.82
N ARG B 273 11.87 11.38 -8.12
CA ARG B 273 13.01 12.06 -8.70
C ARG B 273 12.75 13.45 -9.31
N HIS B 274 11.60 13.69 -9.93
CA HIS B 274 11.40 14.90 -10.72
C HIS B 274 11.00 16.12 -9.92
N PHE B 275 10.68 15.98 -8.64
CA PHE B 275 10.37 17.19 -7.89
C PHE B 275 11.25 17.35 -6.66
N PRO B 282 12.51 29.07 4.52
CA PRO B 282 13.62 28.10 4.49
C PRO B 282 13.35 26.88 5.36
N HIS B 283 12.37 26.98 6.26
CA HIS B 283 11.82 25.77 6.85
C HIS B 283 11.07 24.94 5.82
N PHE B 284 10.74 25.52 4.66
CA PHE B 284 10.09 24.81 3.56
C PHE B 284 10.89 25.08 2.26
N HIS B 285 12.10 24.49 2.19
CA HIS B 285 12.95 24.63 1.02
C HIS B 285 13.77 23.38 0.81
N GLU B 286 13.83 22.91 -0.44
CA GLU B 286 14.69 21.81 -0.89
C GLU B 286 14.16 20.45 -0.46
N LYS B 287 12.83 20.31 -0.34
CA LYS B 287 12.20 19.13 0.25
C LYS B 287 11.74 18.13 -0.82
N LYS B 288 11.17 17.01 -0.36
CA LYS B 288 10.78 15.89 -1.23
C LYS B 288 9.53 15.21 -0.64
N GLN B 289 9.01 14.22 -1.38
CA GLN B 289 7.78 13.51 -0.93
C GLN B 289 7.63 12.19 -1.70
N ILE B 290 7.05 11.17 -1.07
CA ILE B 290 6.83 9.86 -1.70
C ILE B 290 5.40 9.36 -1.51
N PRO B 291 4.68 9.01 -2.60
CA PRO B 291 3.31 8.53 -2.50
C PRO B 291 3.25 7.12 -1.90
N CYS B 292 2.08 6.75 -1.38
CA CYS B 292 1.91 5.42 -0.74
C CYS B 292 0.80 4.66 -1.45
N VAL B 293 1.04 3.38 -1.75
CA VAL B 293 -0.01 2.54 -2.39
C VAL B 293 -0.39 1.40 -1.47
N VAL B 294 -1.66 1.35 -1.06
CA VAL B 294 -2.18 0.27 -0.23
C VAL B 294 -3.09 -0.56 -1.13
N SER B 295 -2.72 -1.81 -1.35
CA SER B 295 -3.46 -2.68 -2.25
C SER B 295 -4.12 -3.83 -1.53
N MET B 296 -5.43 -3.99 -1.77
CA MET B 296 -6.15 -5.18 -1.35
C MET B 296 -6.61 -5.96 -2.56
N LEU B 297 -6.10 -5.64 -3.75
CA LEU B 297 -6.59 -6.30 -4.94
C LEU B 297 -6.21 -7.76 -4.95
N THR B 298 -7.09 -8.57 -5.51
CA THR B 298 -6.95 -10.01 -5.61
C THR B 298 -6.57 -10.43 -7.02
N LYS B 299 -6.51 -9.48 -7.94
CA LYS B 299 -6.19 -9.75 -9.34
C LYS B 299 -5.37 -8.59 -9.86
N GLU B 300 -4.80 -8.79 -11.04
CA GLU B 300 -4.11 -7.73 -11.75
C GLU B 300 -5.20 -6.87 -12.43
N LEU B 301 -5.01 -5.57 -12.44
CA LEU B 301 -6.03 -4.74 -13.04
C LEU B 301 -5.43 -4.09 -14.29
N TYR B 302 -6.04 -4.35 -15.43
CA TYR B 302 -5.63 -3.76 -16.69
C TYR B 302 -6.81 -3.03 -17.30
N PHE B 303 -6.57 -1.83 -17.81
CA PHE B 303 -7.66 -1.03 -18.36
C PHE B 303 -7.93 -1.39 -19.83
N SER B 304 -8.17 -2.65 -20.20
CA SER B 304 -8.43 -2.98 -21.61
C SER B 304 -8.90 -4.42 -21.74
N GLN B 305 -9.26 -4.78 -22.98
CA GLN B 305 -9.64 -6.13 -23.44
C GLN B 305 -10.94 -6.71 -22.85
C ACE C 1 -9.97 -22.82 11.55
O ACE C 1 -9.17 -23.70 11.22
CH3 ACE C 1 -11.22 -22.57 10.74
N ASP C 2 -9.77 -22.02 12.59
CA ASP C 2 -8.42 -21.76 13.12
C ASP C 2 -8.39 -21.47 14.62
N GLU C 3 -7.67 -20.42 15.02
CA GLU C 3 -7.47 -20.08 16.43
C GLU C 3 -7.91 -18.64 16.71
N VAL C 4 -6.99 -17.82 17.22
CA VAL C 4 -6.88 -16.39 16.91
C VAL C 4 -5.68 -15.79 17.65
C ASJ C 5 -4.41 -12.31 17.57
N ASJ C 5 -5.51 -14.47 17.56
O ASJ C 5 -3.23 -11.64 18.04
CA ASJ C 5 -4.21 -13.82 17.42
CB ASJ C 5 -3.62 -14.22 16.07
CG ASJ C 5 -2.16 -13.90 15.83
OD1 ASJ C 5 -1.40 -14.82 15.51
OD2 ASJ C 5 -1.80 -12.71 15.94
C ACE D 1 5.78 27.03 -4.68
O ACE D 1 5.53 27.94 -3.90
CH3 ACE D 1 5.95 27.26 -6.15
N ASP D 2 5.90 25.77 -4.27
CA ASP D 2 4.73 24.91 -4.16
C ASP D 2 3.96 25.20 -2.88
N GLU D 3 2.70 24.76 -2.84
CA GLU D 3 2.00 24.63 -1.57
C GLU D 3 1.76 23.15 -1.26
N VAL D 4 2.02 22.76 -0.01
CA VAL D 4 1.45 21.52 0.48
C VAL D 4 -0.03 21.68 0.79
C ASJ D 5 -1.38 20.21 3.29
N ASJ D 5 -0.74 20.56 0.98
O ASJ D 5 -2.45 20.14 4.23
CA ASJ D 5 -1.88 20.49 1.87
CB ASJ D 5 -2.85 19.40 1.40
CG ASJ D 5 -2.56 18.94 -0.02
OD1 ASJ D 5 -3.14 19.52 -0.96
OD2 ASJ D 5 -1.76 18.00 -0.17
CAA 8YJ E . -11.77 -0.51 4.47
CAB 8YJ E . -12.13 -1.41 3.49
CAC 8YJ E . -11.14 -2.17 2.89
CAD 8YJ E . -9.82 -2.07 3.28
CAE 8YJ E . -9.46 -1.16 4.27
CAF 8YJ E . -10.43 -0.39 4.87
CAH 8YJ E . -9.77 2.36 5.14
CAI 8YJ E . -8.49 3.19 5.31
CAJ 8YJ E . -8.12 3.51 6.74
CAK 8YJ E . -7.52 2.49 7.43
CAL 8YJ E . -7.17 2.66 8.75
CAM 8YJ E . -7.44 3.88 9.35
CAN 8YJ E . -8.05 4.92 8.67
CAO 8YJ E . -8.41 4.74 7.33
CAP 8YJ E . -12.93 0.30 5.06
OAQ 8YJ E . -13.56 1.07 4.28
OAR 8YJ E . -13.24 0.16 6.29
OAS 8YJ E . -7.83 3.55 4.38
SAG 8YJ E . -9.89 0.81 6.11
CLA 8YJ E . -6.92 4.00 11.06
#